data_5CR8
#
_entry.id   5CR8
#
_cell.length_a   48.680
_cell.length_b   47.680
_cell.length_c   97.539
_cell.angle_alpha   90.000
_cell.angle_beta   101.390
_cell.angle_gamma   90.000
#
_symmetry.space_group_name_H-M   'I 1 2 1'
#
loop_
_entity.id
_entity.type
_entity.pdbx_description
1 polymer Pneumolysin
2 water water
#
_entity_poly.entity_id   1
_entity_poly.type   'polypeptide(L)'
_entity_poly.pdbx_seq_one_letter_code
;RNGDLLLDHSGAYVAQYYITWNELSYDHQGKEVLTPKAWDRNGQDLTAHFTTSIPLKGNVRNLSVKIRECTGLAWEWWRT
VYEKTDLPLVRKRTISIWGTTLYPQVEDKVEND
;
_entity_poly.pdbx_strand_id   D,A
#
# COMPACT_ATOMS: atom_id res chain seq x y z
N ARG A 1 1.38 -16.49 6.59
CA ARG A 1 1.07 -15.08 6.80
C ARG A 1 -0.40 -14.80 6.47
N ASN A 2 -1.28 -15.01 7.43
CA ASN A 2 -2.68 -14.64 7.27
C ASN A 2 -2.87 -13.15 6.97
N GLY A 3 -3.83 -12.86 6.09
CA GLY A 3 -4.16 -11.48 5.79
C GLY A 3 -5.64 -11.32 5.54
N ASP A 4 -6.12 -10.08 5.61
CA ASP A 4 -7.49 -9.77 5.27
C ASP A 4 -7.52 -8.58 4.32
N LEU A 5 -8.37 -8.67 3.30
CA LEU A 5 -8.61 -7.54 2.42
C LEU A 5 -10.02 -7.02 2.60
N LEU A 6 -10.14 -5.85 3.20
CA LEU A 6 -11.43 -5.24 3.44
C LEU A 6 -11.72 -4.22 2.35
N LEU A 7 -12.93 -4.25 1.82
CA LEU A 7 -13.33 -3.30 0.80
C LEU A 7 -14.53 -2.50 1.30
N ASP A 8 -14.50 -1.20 1.06
CA ASP A 8 -15.63 -0.35 1.42
C ASP A 8 -15.98 0.55 0.24
N HIS A 9 -17.23 0.49 -0.19
CA HIS A 9 -17.74 1.32 -1.27
C HIS A 9 -18.84 2.24 -0.74
N SER A 10 -18.53 3.53 -0.69
CA SER A 10 -19.49 4.55 -0.25
C SER A 10 -19.72 5.60 -1.34
N GLY A 11 -19.23 5.31 -2.55
CA GLY A 11 -19.34 6.26 -3.65
C GLY A 11 -20.73 6.30 -4.25
N ALA A 12 -21.08 7.45 -4.83
CA ALA A 12 -22.39 7.63 -5.45
C ALA A 12 -22.36 7.15 -6.91
N TYR A 13 -21.79 5.97 -7.13
CA TYR A 13 -21.66 5.41 -8.47
C TYR A 13 -21.57 3.89 -8.41
N VAL A 14 -21.83 3.25 -9.54
CA VAL A 14 -21.64 1.82 -9.67
C VAL A 14 -20.16 1.49 -9.77
N ALA A 15 -19.68 0.62 -8.89
CA ALA A 15 -18.30 0.16 -8.97
C ALA A 15 -18.21 -1.33 -9.28
N GLN A 16 -17.09 -1.73 -9.86
CA GLN A 16 -16.78 -3.12 -10.12
C GLN A 16 -15.39 -3.44 -9.58
N TYR A 17 -15.27 -4.60 -8.94
CA TYR A 17 -14.00 -5.07 -8.43
C TYR A 17 -13.48 -6.22 -9.28
N TYR A 18 -12.17 -6.32 -9.36
CA TYR A 18 -11.49 -7.43 -9.98
C TYR A 18 -10.30 -7.76 -9.11
N ILE A 19 -10.48 -8.74 -8.24
CA ILE A 19 -9.45 -9.14 -7.30
C ILE A 19 -9.01 -10.54 -7.63
N THR A 20 -7.73 -10.69 -7.95
CA THR A 20 -7.20 -12.01 -8.30
C THR A 20 -5.89 -12.22 -7.58
N TRP A 21 -5.51 -13.47 -7.37
CA TRP A 21 -4.24 -13.76 -6.73
C TRP A 21 -3.79 -15.16 -7.08
N ASN A 22 -2.58 -15.53 -6.68
CA ASN A 22 -2.15 -16.91 -6.83
C ASN A 22 -1.97 -17.55 -5.46
N GLU A 23 -2.29 -18.83 -5.37
CA GLU A 23 -1.96 -19.60 -4.18
C GLU A 23 -0.77 -20.52 -4.46
N LEU A 24 0.23 -20.43 -3.60
CA LEU A 24 1.45 -21.23 -3.72
C LEU A 24 1.22 -22.63 -3.15
N SER A 25 1.54 -23.66 -3.92
CA SER A 25 1.34 -25.03 -3.48
C SER A 25 2.40 -25.99 -4.00
N TYR A 26 2.51 -27.15 -3.37
CA TYR A 26 3.48 -28.16 -3.77
C TYR A 26 2.83 -29.53 -3.98
N ASP A 27 3.21 -30.20 -5.05
CA ASP A 27 2.60 -31.47 -5.46
C ASP A 27 3.33 -32.66 -4.86
N HIS A 28 2.87 -33.87 -5.20
CA HIS A 28 3.35 -35.10 -4.60
C HIS A 28 4.84 -35.36 -4.95
N GLN A 29 5.39 -34.51 -5.81
CA GLN A 29 6.83 -34.56 -6.10
C GLN A 29 7.50 -33.38 -5.42
N GLY A 30 6.67 -32.46 -4.94
CA GLY A 30 7.10 -31.34 -4.13
C GLY A 30 7.81 -30.17 -4.80
N LYS A 31 7.32 -29.74 -5.95
CA LYS A 31 7.87 -28.54 -6.57
C LYS A 31 6.73 -27.54 -6.83
N GLU A 32 7.10 -26.29 -7.13
CA GLU A 32 6.21 -25.14 -7.06
C GLU A 32 5.07 -25.06 -8.08
N VAL A 33 3.89 -24.69 -7.58
CA VAL A 33 2.69 -24.50 -8.39
C VAL A 33 1.96 -23.23 -7.93
N LEU A 34 1.66 -22.35 -8.89
CA LEU A 34 0.83 -21.18 -8.62
C LEU A 34 -0.60 -21.39 -9.13
N THR A 35 -1.57 -21.49 -8.23
CA THR A 35 -2.98 -21.64 -8.60
C THR A 35 -3.72 -20.32 -8.65
N PRO A 36 -4.09 -19.88 -9.87
CA PRO A 36 -5.00 -18.75 -10.08
C PRO A 36 -6.25 -18.82 -9.21
N LYS A 37 -6.52 -17.73 -8.50
CA LYS A 37 -7.73 -17.63 -7.70
C LYS A 37 -8.34 -16.24 -7.88
N ALA A 38 -9.63 -16.13 -7.60
CA ALA A 38 -10.32 -14.86 -7.78
C ALA A 38 -11.51 -14.73 -6.84
N TRP A 39 -11.82 -13.49 -6.49
CA TRP A 39 -13.00 -13.17 -5.69
C TRP A 39 -14.25 -13.54 -6.48
N ASP A 40 -15.21 -14.18 -5.82
CA ASP A 40 -16.39 -14.69 -6.51
C ASP A 40 -17.27 -13.58 -7.06
N ARG A 41 -17.20 -12.40 -6.45
CA ARG A 41 -18.00 -11.27 -6.91
C ARG A 41 -17.27 -10.36 -7.90
N ASN A 42 -16.19 -10.86 -8.49
CA ASN A 42 -15.49 -10.13 -9.55
C ASN A 42 -16.43 -9.77 -10.69
N GLY A 43 -16.36 -8.52 -11.13
CA GLY A 43 -17.20 -8.04 -12.22
C GLY A 43 -18.65 -7.76 -11.88
N GLN A 44 -19.02 -7.88 -10.61
CA GLN A 44 -20.39 -7.59 -10.20
C GLN A 44 -20.59 -6.08 -10.00
N ASP A 45 -21.72 -5.56 -10.48
CA ASP A 45 -22.05 -4.16 -10.26
C ASP A 45 -22.40 -3.93 -8.80
N LEU A 46 -21.62 -3.08 -8.14
CA LEU A 46 -21.83 -2.82 -6.71
C LEU A 46 -22.07 -1.34 -6.44
N THR A 47 -23.01 -1.07 -5.55
CA THR A 47 -23.40 0.29 -5.23
C THR A 47 -23.35 0.50 -3.71
N ALA A 48 -23.14 1.74 -3.30
CA ALA A 48 -23.04 2.07 -1.89
C ALA A 48 -24.35 1.78 -1.17
N HIS A 49 -24.31 1.49 0.12
CA HIS A 49 -23.08 1.24 0.86
C HIS A 49 -22.71 -0.24 0.88
N PHE A 50 -21.52 -0.58 0.40
CA PHE A 50 -21.11 -1.98 0.36
C PHE A 50 -19.81 -2.23 1.11
N THR A 51 -19.77 -3.27 1.94
CA THR A 51 -18.52 -3.62 2.61
C THR A 51 -18.29 -5.11 2.50
N THR A 52 -17.04 -5.52 2.44
CA THR A 52 -16.73 -6.93 2.50
C THR A 52 -15.34 -7.17 3.07
N SER A 53 -15.10 -8.41 3.47
CA SER A 53 -13.80 -8.82 3.93
C SER A 53 -13.43 -10.13 3.27
N ILE A 54 -12.27 -10.16 2.64
CA ILE A 54 -11.79 -11.31 1.90
C ILE A 54 -10.59 -11.90 2.62
N PRO A 55 -10.73 -13.15 3.10
CA PRO A 55 -9.61 -13.77 3.79
C PRO A 55 -8.54 -14.24 2.81
N LEU A 56 -7.29 -13.93 3.11
CA LEU A 56 -6.19 -14.33 2.24
C LEU A 56 -5.21 -15.18 3.02
N LYS A 57 -4.97 -16.38 2.50
CA LYS A 57 -4.11 -17.37 3.12
C LYS A 57 -2.65 -16.96 3.04
N GLY A 58 -1.79 -17.67 3.76
CA GLY A 58 -0.38 -17.34 3.82
C GLY A 58 0.37 -17.68 2.54
N ASN A 59 -0.15 -18.63 1.79
CA ASN A 59 0.46 -19.01 0.51
C ASN A 59 -0.06 -18.19 -0.66
N VAL A 60 -0.67 -17.04 -0.36
CA VAL A 60 -1.19 -16.16 -1.40
C VAL A 60 -0.08 -15.32 -2.02
N ARG A 61 -0.05 -15.28 -3.35
CA ARG A 61 0.97 -14.55 -4.09
C ARG A 61 0.31 -13.77 -5.22
N ASN A 62 1.02 -12.78 -5.77
CA ASN A 62 0.55 -12.04 -6.94
C ASN A 62 -0.81 -11.38 -6.76
N LEU A 63 -1.04 -10.75 -5.61
CA LEU A 63 -2.32 -10.13 -5.35
C LEU A 63 -2.52 -8.90 -6.23
N SER A 64 -3.65 -8.90 -6.94
CA SER A 64 -4.00 -7.81 -7.84
C SER A 64 -5.41 -7.32 -7.54
N VAL A 65 -5.51 -6.01 -7.34
CA VAL A 65 -6.78 -5.39 -7.02
C VAL A 65 -7.07 -4.29 -8.03
N LYS A 66 -8.21 -4.43 -8.69
CA LYS A 66 -8.61 -3.49 -9.72
C LYS A 66 -10.02 -2.99 -9.42
N ILE A 67 -10.17 -1.67 -9.35
CA ILE A 67 -11.44 -1.04 -9.01
C ILE A 67 -11.82 -0.04 -10.07
N ARG A 68 -12.99 -0.26 -10.67
CA ARG A 68 -13.49 0.59 -11.75
C ARG A 68 -14.84 1.18 -11.40
N GLU A 69 -15.12 2.36 -11.94
CA GLU A 69 -16.47 2.89 -11.88
C GLU A 69 -17.04 2.76 -13.29
N CYS A 70 -18.35 2.58 -13.39
CA CYS A 70 -18.97 2.29 -14.67
C CYS A 70 -20.11 3.22 -15.05
N THR A 71 -20.40 3.28 -16.35
CA THR A 71 -21.53 4.05 -16.85
C THR A 71 -22.00 3.49 -18.19
N GLY A 72 -23.13 3.99 -18.68
CA GLY A 72 -23.79 3.42 -19.84
C GLY A 72 -24.82 2.37 -19.44
N LEU A 73 -25.58 1.86 -20.41
CA LEU A 73 -26.64 0.89 -20.13
C LEU A 73 -26.38 -0.53 -20.58
N ALA A 74 -26.86 -0.84 -21.78
CA ALA A 74 -26.73 -2.19 -22.31
C ALA A 74 -25.25 -2.53 -22.42
N TRP A 75 -24.51 -1.61 -23.00
CA TRP A 75 -23.06 -1.65 -23.01
C TRP A 75 -22.45 -0.57 -22.10
N GLU A 76 -21.44 -0.93 -21.30
CA GLU A 76 -20.91 -0.05 -20.25
C GLU A 76 -19.56 0.68 -20.56
N TRP A 77 -19.42 1.96 -20.19
CA TRP A 77 -18.08 2.57 -20.17
C TRP A 77 -17.48 2.36 -18.79
N TRP A 78 -16.16 2.20 -18.74
CA TRP A 78 -15.51 2.12 -17.44
C TRP A 78 -14.26 2.98 -17.38
N ARG A 79 -13.93 3.46 -16.19
CA ARG A 79 -12.63 4.08 -15.96
C ARG A 79 -12.12 3.58 -14.62
N THR A 80 -10.81 3.35 -14.53
CA THR A 80 -10.21 2.81 -13.33
C THR A 80 -10.11 3.83 -12.21
N VAL A 81 -10.61 3.44 -11.04
CA VAL A 81 -10.57 4.28 -9.86
C VAL A 81 -9.34 3.91 -9.05
N TYR A 82 -8.96 2.64 -9.12
CA TYR A 82 -7.84 2.13 -8.35
C TYR A 82 -7.29 0.91 -9.04
N GLU A 83 -5.97 0.75 -9.03
CA GLU A 83 -5.38 -0.45 -9.62
C GLU A 83 -3.98 -0.69 -9.11
N LYS A 84 -3.78 -1.81 -8.43
CA LYS A 84 -2.44 -2.19 -7.99
C LYS A 84 -2.24 -3.67 -8.25
N THR A 85 -1.03 -4.04 -8.71
CA THR A 85 -0.70 -5.42 -8.97
C THR A 85 0.48 -5.84 -8.10
N ASP A 86 0.57 -7.14 -7.84
CA ASP A 86 1.57 -7.70 -6.93
C ASP A 86 1.56 -6.93 -5.61
N LEU A 87 0.36 -6.72 -5.08
CA LEU A 87 0.20 -6.11 -3.76
C LEU A 87 0.82 -6.98 -2.69
N PRO A 88 1.58 -6.34 -1.77
CA PRO A 88 2.16 -7.05 -0.62
C PRO A 88 1.07 -7.70 0.22
N LEU A 89 1.17 -9.00 0.45
CA LEU A 89 0.28 -9.66 1.38
C LEU A 89 0.59 -9.17 2.79
N VAL A 90 -0.29 -8.33 3.33
CA VAL A 90 -0.11 -7.80 4.67
C VAL A 90 -1.22 -8.32 5.58
N ARG A 91 -1.10 -8.03 6.88
CA ARG A 91 -2.03 -8.55 7.87
C ARG A 91 -3.44 -8.05 7.60
N LYS A 92 -3.56 -6.77 7.31
CA LYS A 92 -4.85 -6.16 7.07
C LYS A 92 -4.73 -5.01 6.09
N ARG A 93 -5.44 -5.09 4.97
CA ARG A 93 -5.46 -3.97 4.03
C ARG A 93 -6.89 -3.54 3.78
N THR A 94 -7.17 -2.25 3.94
CA THR A 94 -8.52 -1.73 3.72
C THR A 94 -8.54 -0.74 2.57
N ILE A 95 -9.27 -1.07 1.53
CA ILE A 95 -9.41 -0.19 0.38
C ILE A 95 -10.82 0.39 0.34
N SER A 96 -10.90 1.71 0.52
CA SER A 96 -12.18 2.39 0.56
C SER A 96 -12.32 3.35 -0.61
N ILE A 97 -13.50 3.36 -1.23
CA ILE A 97 -13.81 4.30 -2.29
C ILE A 97 -15.06 5.09 -1.96
N TRP A 98 -15.10 6.33 -2.44
CA TRP A 98 -16.24 7.23 -2.18
C TRP A 98 -16.24 8.34 -3.23
N GLY A 99 -17.08 9.35 -3.02
CA GLY A 99 -17.11 10.49 -3.91
C GLY A 99 -18.17 10.43 -4.97
N THR A 100 -17.99 11.20 -6.03
CA THR A 100 -18.96 11.26 -7.13
C THR A 100 -18.44 10.48 -8.33
N THR A 101 -19.33 10.26 -9.30
CA THR A 101 -18.96 9.60 -10.54
C THR A 101 -17.81 10.32 -11.25
N LEU A 102 -17.92 11.64 -11.35
CA LEU A 102 -16.90 12.41 -12.05
C LEU A 102 -15.66 12.58 -11.18
N TYR A 103 -15.85 12.57 -9.86
CA TYR A 103 -14.72 12.73 -8.96
C TYR A 103 -14.65 11.60 -7.92
N PRO A 104 -14.35 10.37 -8.37
CA PRO A 104 -14.19 9.26 -7.41
C PRO A 104 -12.91 9.39 -6.60
N GLN A 105 -12.96 8.96 -5.34
CA GLN A 105 -11.81 9.02 -4.46
C GLN A 105 -11.56 7.68 -3.79
N VAL A 106 -10.30 7.40 -3.46
CA VAL A 106 -9.92 6.11 -2.92
C VAL A 106 -8.81 6.23 -1.86
N GLU A 107 -8.87 5.38 -0.84
CA GLU A 107 -7.83 5.25 0.17
C GLU A 107 -7.40 3.80 0.33
N ASP A 108 -6.10 3.58 0.34
CA ASP A 108 -5.52 2.26 0.57
C ASP A 108 -4.81 2.30 1.91
N LYS A 109 -5.30 1.53 2.87
CA LYS A 109 -4.78 1.57 4.24
C LYS A 109 -4.13 0.24 4.60
N VAL A 110 -2.81 0.26 4.84
CA VAL A 110 -2.10 -0.96 5.19
C VAL A 110 -1.83 -1.04 6.70
N GLU A 111 -2.08 -2.21 7.27
CA GLU A 111 -1.71 -2.50 8.65
C GLU A 111 -1.00 -3.84 8.70
N ASN A 112 0.29 -3.79 9.01
CA ASN A 112 1.12 -4.98 9.09
C ASN A 112 2.17 -4.73 10.16
N ASP A 113 1.80 -3.87 11.13
CA ASP A 113 2.70 -3.42 12.18
C ASP A 113 3.04 -4.51 13.19
N ARG B 1 6.62 23.59 1.50
CA ARG B 1 7.31 23.44 0.22
C ARG B 1 7.19 22.03 -0.36
N ASN B 2 7.32 21.95 -1.68
CA ASN B 2 7.45 20.67 -2.37
C ASN B 2 8.67 19.96 -1.79
N GLY B 3 8.57 18.64 -1.64
CA GLY B 3 9.69 17.89 -1.11
C GLY B 3 9.83 16.54 -1.78
N ASP B 4 10.99 15.93 -1.60
CA ASP B 4 11.22 14.59 -2.08
C ASP B 4 11.76 13.73 -0.95
N LEU B 5 11.25 12.50 -0.88
CA LEU B 5 11.77 11.52 0.06
C LEU B 5 12.43 10.41 -0.74
N LEU B 6 13.76 10.38 -0.68
CA LEU B 6 14.52 9.37 -1.40
C LEU B 6 14.88 8.24 -0.46
N LEU B 7 14.70 7.01 -0.94
CA LEU B 7 15.04 5.85 -0.15
C LEU B 7 16.10 5.03 -0.85
N ASP B 8 17.09 4.61 -0.09
CA ASP B 8 18.12 3.72 -0.62
C ASP B 8 18.34 2.56 0.34
N HIS B 9 18.22 1.35 -0.18
CA HIS B 9 18.43 0.13 0.59
C HIS B 9 19.60 -0.63 0.00
N SER B 10 20.70 -0.65 0.74
CA SER B 10 21.91 -1.35 0.34
C SER B 10 22.30 -2.42 1.35
N GLY B 11 21.39 -2.71 2.27
CA GLY B 11 21.65 -3.67 3.34
C GLY B 11 21.57 -5.11 2.87
N ALA B 12 22.31 -5.98 3.56
CA ALA B 12 22.31 -7.41 3.23
C ALA B 12 21.17 -8.11 3.94
N TYR B 13 19.98 -7.52 3.87
CA TYR B 13 18.81 -8.07 4.54
C TYR B 13 17.52 -7.63 3.86
N VAL B 14 16.44 -8.36 4.11
CA VAL B 14 15.12 -7.96 3.65
C VAL B 14 14.58 -6.84 4.52
N ALA B 15 14.19 -5.73 3.91
CA ALA B 15 13.58 -4.62 4.64
C ALA B 15 12.15 -4.35 4.21
N GLN B 16 11.37 -3.78 5.12
CA GLN B 16 10.02 -3.32 4.85
C GLN B 16 9.88 -1.87 5.29
N TYR B 17 9.21 -1.08 4.46
CA TYR B 17 8.95 0.32 4.76
C TYR B 17 7.48 0.53 5.12
N TYR B 18 7.24 1.52 5.96
CA TYR B 18 5.91 1.98 6.28
C TYR B 18 5.97 3.49 6.33
N ILE B 19 5.59 4.11 5.22
CA ILE B 19 5.65 5.55 5.07
C ILE B 19 4.24 6.10 4.94
N THR B 20 3.85 6.96 5.87
CA THR B 20 2.51 7.55 5.85
C THR B 20 2.60 9.03 6.11
N TRP B 21 1.61 9.78 5.65
CA TRP B 21 1.59 11.21 5.91
C TRP B 21 0.18 11.75 5.79
N ASN B 22 -0.02 13.01 6.12
CA ASN B 22 -1.31 13.64 5.89
C ASN B 22 -1.24 14.77 4.87
N GLU B 23 -2.32 14.95 4.12
CA GLU B 23 -2.43 16.16 3.32
C GLU B 23 -3.38 17.12 4.02
N LEU B 24 -2.88 18.32 4.28
CA LEU B 24 -3.67 19.36 4.94
C LEU B 24 -4.54 20.09 3.94
N SER B 25 -5.83 20.14 4.20
CA SER B 25 -6.73 20.88 3.33
C SER B 25 -7.86 21.44 4.17
N TYR B 26 -8.56 22.42 3.62
CA TYR B 26 -9.66 23.04 4.33
C TYR B 26 -10.92 22.93 3.50
N ASP B 27 -12.03 22.59 4.16
CA ASP B 27 -13.24 22.31 3.42
C ASP B 27 -14.04 23.59 3.26
N HIS B 28 -15.16 23.48 2.55
CA HIS B 28 -15.87 24.63 2.03
C HIS B 28 -16.56 25.60 3.01
N GLN B 29 -16.59 25.32 4.30
CA GLN B 29 -16.97 26.35 5.30
C GLN B 29 -16.12 26.46 6.54
N GLY B 30 -14.84 26.78 6.40
CA GLY B 30 -14.03 27.05 7.56
C GLY B 30 -13.81 25.74 8.29
N LYS B 31 -13.52 24.70 7.52
CA LYS B 31 -13.29 23.38 8.10
C LYS B 31 -11.89 22.89 7.78
N GLU B 32 -11.46 21.86 8.52
CA GLU B 32 -10.06 21.46 8.51
C GLU B 32 -10.01 19.94 8.39
N VAL B 33 -9.18 19.45 7.47
CA VAL B 33 -9.04 18.01 7.30
C VAL B 33 -7.61 17.58 6.98
N LEU B 34 -7.15 16.59 7.75
CA LEU B 34 -5.89 15.89 7.50
C LEU B 34 -6.21 14.58 6.82
N THR B 35 -5.79 14.46 5.56
CA THR B 35 -6.03 13.25 4.77
C THR B 35 -4.89 12.23 4.80
N PRO B 36 -5.09 11.08 5.48
CA PRO B 36 -4.18 9.94 5.39
C PRO B 36 -3.78 9.56 3.97
N LYS B 37 -2.47 9.46 3.79
CA LYS B 37 -1.82 9.00 2.58
C LYS B 37 -0.70 8.05 2.97
N ALA B 38 -0.31 7.19 2.05
CA ALA B 38 0.73 6.21 2.33
C ALA B 38 1.43 5.78 1.05
N TRP B 39 2.69 5.40 1.19
CA TRP B 39 3.44 4.85 0.07
C TRP B 39 2.77 3.54 -0.32
N ASP B 40 2.56 3.33 -1.62
CA ASP B 40 1.80 2.18 -2.09
C ASP B 40 2.53 0.86 -1.84
N ARG B 41 3.85 0.93 -1.71
CA ARG B 41 4.65 -0.26 -1.47
C ARG B 41 4.91 -0.52 0.03
N ASN B 42 4.11 0.10 0.89
CA ASN B 42 4.20 -0.18 2.33
C ASN B 42 4.05 -1.65 2.65
N GLY B 43 4.93 -2.16 3.51
CA GLY B 43 4.93 -3.55 3.91
C GLY B 43 5.46 -4.54 2.88
N GLN B 44 6.01 -4.04 1.78
CA GLN B 44 6.59 -4.92 0.77
C GLN B 44 8.01 -5.33 1.14
N ASP B 45 8.32 -6.61 0.96
CA ASP B 45 9.67 -7.11 1.21
C ASP B 45 10.62 -6.57 0.17
N LEU B 46 11.63 -5.81 0.61
CA LEU B 46 12.57 -5.20 -0.31
C LEU B 46 14.01 -5.60 0.00
N THR B 47 14.79 -5.86 -1.05
CA THR B 47 16.15 -6.32 -0.90
C THR B 47 17.09 -5.43 -1.71
N ALA B 48 18.35 -5.35 -1.27
CA ALA B 48 19.33 -4.51 -1.92
C ALA B 48 19.60 -5.01 -3.34
N HIS B 49 20.00 -4.11 -4.25
CA HIS B 49 20.02 -2.67 -4.01
C HIS B 49 18.72 -2.05 -4.50
N PHE B 50 18.01 -1.35 -3.61
CA PHE B 50 16.73 -0.74 -4.00
C PHE B 50 16.75 0.76 -3.81
N THR B 51 16.30 1.51 -4.82
CA THR B 51 16.21 2.96 -4.69
C THR B 51 14.87 3.47 -5.17
N THR B 52 14.37 4.53 -4.54
CA THR B 52 13.18 5.19 -5.07
C THR B 52 13.09 6.64 -4.61
N SER B 53 12.21 7.39 -5.25
CA SER B 53 11.95 8.77 -4.86
C SER B 53 10.44 9.00 -4.75
N ILE B 54 10.02 9.54 -3.62
CA ILE B 54 8.62 9.77 -3.33
C ILE B 54 8.34 11.26 -3.27
N PRO B 55 7.50 11.77 -4.18
CA PRO B 55 7.18 13.19 -4.18
C PRO B 55 6.16 13.54 -3.08
N LEU B 56 6.45 14.59 -2.33
CA LEU B 56 5.58 15.03 -1.25
C LEU B 56 5.14 16.47 -1.47
N LYS B 57 3.83 16.69 -1.50
CA LYS B 57 3.28 18.01 -1.74
C LYS B 57 3.56 18.97 -0.59
N GLY B 58 3.29 20.25 -0.82
CA GLY B 58 3.56 21.29 0.16
C GLY B 58 2.60 21.27 1.35
N ASN B 59 1.41 20.72 1.15
CA ASN B 59 0.44 20.61 2.24
C ASN B 59 0.58 19.32 3.04
N VAL B 60 1.73 18.67 2.93
CA VAL B 60 1.96 17.40 3.64
C VAL B 60 2.30 17.64 5.11
N ARG B 61 1.64 16.89 5.98
CA ARG B 61 1.84 17.01 7.42
C ARG B 61 1.99 15.62 8.02
N ASN B 62 2.55 15.56 9.22
CA ASN B 62 2.65 14.31 9.97
C ASN B 62 3.37 13.20 9.22
N LEU B 63 4.49 13.52 8.59
CA LEU B 63 5.23 12.51 7.83
C LEU B 63 5.85 11.49 8.78
N SER B 64 5.57 10.22 8.54
CA SER B 64 6.06 9.14 9.38
C SER B 64 6.73 8.05 8.56
N VAL B 65 7.95 7.71 8.96
CA VAL B 65 8.73 6.71 8.27
C VAL B 65 9.19 5.62 9.24
N LYS B 66 8.83 4.40 8.93
CA LYS B 66 9.20 3.25 9.76
C LYS B 66 9.88 2.21 8.88
N ILE B 67 11.07 1.81 9.27
CA ILE B 67 11.85 0.85 8.50
C ILE B 67 12.24 -0.33 9.37
N ARG B 68 11.84 -1.51 8.91
CA ARG B 68 12.06 -2.75 9.64
C ARG B 68 12.86 -3.77 8.82
N GLU B 69 13.68 -4.57 9.50
CA GLU B 69 14.31 -5.73 8.84
C GLU B 69 13.80 -7.03 9.42
N CYS B 70 13.86 -8.11 8.63
CA CYS B 70 13.35 -9.40 9.08
C CYS B 70 14.40 -10.49 8.99
N THR B 71 14.19 -11.55 9.74
CA THR B 71 15.05 -12.72 9.72
C THR B 71 14.22 -13.93 10.13
N GLY B 72 14.81 -15.11 10.04
CA GLY B 72 14.03 -16.33 10.20
C GLY B 72 13.58 -16.72 8.81
N LEU B 73 12.90 -17.85 8.69
CA LEU B 73 12.45 -18.30 7.38
C LEU B 73 10.95 -18.11 7.21
N ALA B 74 10.16 -19.14 7.54
CA ALA B 74 8.73 -19.11 7.29
C ALA B 74 7.94 -18.05 8.05
N TRP B 75 8.08 -18.03 9.38
CA TRP B 75 7.49 -16.98 10.20
C TRP B 75 8.64 -16.09 10.69
N GLU B 76 8.50 -14.79 10.44
CA GLU B 76 9.62 -13.86 10.56
C GLU B 76 9.70 -13.09 11.87
N TRP B 77 10.94 -12.96 12.35
CA TRP B 77 11.27 -12.07 13.44
C TRP B 77 11.63 -10.73 12.81
N TRP B 78 11.33 -9.64 13.51
CA TRP B 78 11.53 -8.32 12.93
C TRP B 78 12.29 -7.37 13.84
N ARG B 79 12.96 -6.41 13.21
CA ARG B 79 13.61 -5.31 13.91
C ARG B 79 13.34 -3.97 13.29
N THR B 80 13.09 -2.96 14.12
CA THR B 80 13.00 -1.61 13.59
C THR B 80 14.41 -1.11 13.34
N VAL B 81 14.67 -0.67 12.12
CA VAL B 81 15.97 -0.15 11.76
C VAL B 81 15.89 1.36 11.90
N TYR B 82 14.71 1.89 11.67
CA TYR B 82 14.53 3.34 11.70
C TYR B 82 13.08 3.65 12.03
N GLU B 83 12.85 4.70 12.80
CA GLU B 83 11.47 5.08 13.11
C GLU B 83 11.39 6.53 13.52
N LYS B 84 10.72 7.34 12.70
CA LYS B 84 10.47 8.74 13.04
C LYS B 84 9.06 9.16 12.65
N THR B 85 8.45 9.98 13.50
CA THR B 85 7.12 10.54 13.22
C THR B 85 7.23 12.04 13.19
N ASP B 86 6.29 12.66 12.46
CA ASP B 86 6.30 14.11 12.24
C ASP B 86 7.65 14.57 11.73
N LEU B 87 8.18 13.88 10.73
CA LEU B 87 9.40 14.32 10.07
C LEU B 87 9.15 15.66 9.40
N PRO B 88 10.06 16.62 9.60
CA PRO B 88 9.96 17.92 8.93
C PRO B 88 9.97 17.77 7.41
N LEU B 89 8.94 18.28 6.74
CA LEU B 89 8.92 18.31 5.29
C LEU B 89 9.97 19.26 4.75
N VAL B 90 11.04 18.70 4.19
CA VAL B 90 12.11 19.49 3.62
C VAL B 90 12.20 19.25 2.11
N ARG B 91 13.07 19.99 1.45
CA ARG B 91 13.18 19.94 -0.01
C ARG B 91 13.59 18.55 -0.47
N LYS B 92 14.55 17.97 0.24
CA LYS B 92 15.04 16.64 -0.08
C LYS B 92 15.50 15.94 1.19
N ARG B 93 14.92 14.79 1.47
CA ARG B 93 15.38 13.98 2.58
C ARG B 93 15.76 12.61 2.04
N THR B 94 16.95 12.15 2.37
CA THR B 94 17.38 10.84 1.91
C THR B 94 17.59 9.92 3.09
N ILE B 95 16.83 8.84 3.11
CA ILE B 95 16.98 7.82 4.13
C ILE B 95 17.62 6.59 3.50
N SER B 96 18.84 6.32 3.94
CA SER B 96 19.60 5.22 3.40
C SER B 96 19.85 4.19 4.48
N ILE B 97 19.68 2.92 4.15
CA ILE B 97 20.01 1.85 5.06
C ILE B 97 21.00 0.91 4.40
N TRP B 98 21.86 0.30 5.21
CA TRP B 98 22.87 -0.62 4.71
C TRP B 98 23.33 -1.52 5.85
N GLY B 99 24.40 -2.27 5.63
CA GLY B 99 24.95 -3.09 6.69
C GLY B 99 24.46 -4.53 6.68
N THR B 100 24.58 -5.19 7.82
CA THR B 100 24.19 -6.58 7.96
C THR B 100 22.91 -6.74 8.76
N THR B 101 22.36 -7.95 8.77
CA THR B 101 21.18 -8.25 9.56
C THR B 101 21.37 -7.91 11.04
N LEU B 102 22.51 -8.29 11.61
CA LEU B 102 22.75 -8.04 13.02
C LEU B 102 23.18 -6.60 13.29
N TYR B 103 23.82 -5.98 12.30
CA TYR B 103 24.23 -4.59 12.42
C TYR B 103 23.79 -3.71 11.25
N PRO B 104 22.48 -3.46 11.18
CA PRO B 104 21.96 -2.54 10.16
C PRO B 104 22.37 -1.12 10.50
N GLN B 105 22.60 -0.31 9.47
CA GLN B 105 23.01 1.07 9.66
C GLN B 105 22.06 1.94 8.86
N VAL B 106 21.84 3.16 9.33
CA VAL B 106 20.89 4.04 8.67
C VAL B 106 21.35 5.48 8.77
N GLU B 107 21.13 6.25 7.71
CA GLU B 107 21.40 7.67 7.74
C GLU B 107 20.20 8.44 7.20
N ASP B 108 19.83 9.48 7.93
CA ASP B 108 18.78 10.41 7.53
C ASP B 108 19.46 11.73 7.20
N LYS B 109 19.46 12.08 5.91
CA LYS B 109 20.18 13.26 5.46
C LYS B 109 19.23 14.30 4.89
N VAL B 110 19.22 15.48 5.51
CA VAL B 110 18.35 16.56 5.09
C VAL B 110 19.09 17.60 4.23
N GLU B 111 18.43 17.99 3.15
CA GLU B 111 18.87 19.09 2.30
C GLU B 111 17.66 19.98 2.05
N ASN B 112 17.74 21.22 2.53
CA ASN B 112 16.61 22.14 2.44
C ASN B 112 17.04 23.57 2.16
N ASP B 113 18.16 23.73 1.46
CA ASP B 113 18.68 25.05 1.16
C ASP B 113 17.78 25.73 0.12
#